data_2O06
#
_entry.id   2O06
#
_cell.length_a   119.096
_cell.length_b   135.239
_cell.length_c   83.321
_cell.angle_alpha   90.00
_cell.angle_beta   90.00
_cell.angle_gamma   90.00
#
_symmetry.space_group_name_H-M   'C 2 2 21'
#
loop_
_entity.id
_entity.type
_entity.pdbx_description
1 polymer 'Spermidine synthase'
2 non-polymer 'MAGNESIUM ION'
3 non-polymer "5'-DEOXY-5'-METHYLTHIOADENOSINE"
4 non-polymer 1,4-DIAMINOBUTANE
5 water water
#
_entity_poly.entity_id   1
_entity_poly.type   'polypeptide(L)'
_entity_poly.pdbx_seq_one_letter_code
;GSMEPGPDGPAASGPAAIREGWFRETCSLWPGQALSLQVEQLLHHRRSRYQDILVFRSKTYGNVLVLDGVIQCTERDEFS
YQEMIANLPLCSHPNPRKVLIIGGGDGGVLREVVKHPSVESVVQCEIDEDVIQVSKKFLPGMAIGYSSSKLTLHVGDGFE
FMKQNQDAFDVIITDSSDPMGPAESLFKESYYQLMKTALKEDGVLCCQGECQWLHLDLIKEMRQFCQSLFPVVAYAYCTI
PTYPSGQIGFMLCSKNPSTNFQEPVQPLTQQQVAQMQLKYYNSDVHRAAFVLPEFARKALNDVS
;
_entity_poly.pdbx_strand_id   A,B
#
# COMPACT_ATOMS: atom_id res chain seq x y z
N ASP A 8 -18.59 12.27 -14.94
CA ASP A 8 -18.91 12.30 -16.40
C ASP A 8 -18.00 13.24 -17.18
N GLY A 9 -17.62 14.36 -16.55
CA GLY A 9 -16.71 15.34 -17.17
C GLY A 9 -15.29 14.81 -17.32
N PRO A 10 -14.46 15.50 -18.14
CA PRO A 10 -13.08 15.00 -18.27
C PRO A 10 -12.34 15.22 -16.96
N ALA A 11 -11.39 14.34 -16.66
CA ALA A 11 -10.59 14.45 -15.45
C ALA A 11 -9.66 15.65 -15.55
N ALA A 12 -9.38 16.26 -14.40
CA ALA A 12 -8.52 17.41 -14.33
C ALA A 12 -7.50 17.26 -13.20
N SER A 13 -6.26 17.63 -13.48
CA SER A 13 -5.24 17.73 -12.44
C SER A 13 -4.81 19.19 -12.25
N GLY A 14 -4.43 19.54 -11.02
CA GLY A 14 -3.88 20.87 -10.74
C GLY A 14 -2.60 21.05 -11.54
N PRO A 15 -2.46 22.21 -12.22
CA PRO A 15 -1.23 22.44 -13.02
C PRO A 15 0.00 22.42 -12.13
N ALA A 16 1.02 21.68 -12.57
CA ALA A 16 2.24 21.49 -11.78
C ALA A 16 2.80 22.82 -11.32
N ALA A 17 3.00 22.95 -10.01
CA ALA A 17 3.53 24.16 -9.43
C ALA A 17 4.36 23.85 -8.18
N ILE A 18 5.45 24.58 -8.00
CA ILE A 18 6.22 24.48 -6.75
C ILE A 18 5.94 25.71 -5.88
N ARG A 19 5.47 25.46 -4.66
CA ARG A 19 5.08 26.55 -3.76
C ARG A 19 5.74 26.34 -2.42
N GLU A 20 6.49 27.36 -2.00
CA GLU A 20 7.25 27.35 -0.75
C GLU A 20 8.13 26.10 -0.58
N GLY A 21 8.77 25.67 -1.67
CA GLY A 21 9.71 24.55 -1.63
C GLY A 21 9.08 23.17 -1.65
N TRP A 22 7.77 23.10 -1.89
CA TRP A 22 7.05 21.82 -2.02
C TRP A 22 6.26 21.73 -3.32
N PHE A 23 6.27 20.55 -3.93
CA PHE A 23 5.36 20.23 -5.04
C PHE A 23 4.20 19.41 -4.50
N ARG A 24 2.97 19.87 -4.79
CA ARG A 24 1.75 19.18 -4.34
C ARG A 24 1.00 18.62 -5.54
N GLU A 25 0.76 17.31 -5.53
CA GLU A 25 0.04 16.66 -6.62
C GLU A 25 -1.48 16.63 -6.36
N THR A 26 -2.27 17.24 -7.24
CA THR A 26 -3.73 17.16 -7.16
C THR A 26 -4.36 16.72 -8.46
N CYS A 27 -5.48 16.01 -8.34
CA CYS A 27 -6.21 15.48 -9.50
C CYS A 27 -7.62 15.12 -9.08
N SER A 28 -8.59 15.41 -9.96
CA SER A 28 -9.97 15.02 -9.74
C SER A 28 -10.20 13.51 -9.70
N LEU A 29 -9.24 12.72 -10.17
CA LEU A 29 -9.30 11.24 -10.03
C LEU A 29 -8.99 10.75 -8.59
N TRP A 30 -8.49 11.64 -7.75
CA TRP A 30 -8.39 11.36 -6.31
C TRP A 30 -8.67 12.64 -5.52
N PRO A 31 -9.96 13.08 -5.53
CA PRO A 31 -10.35 14.37 -4.96
C PRO A 31 -10.15 14.45 -3.43
N GLY A 32 -9.79 15.63 -2.96
CA GLY A 32 -9.70 15.87 -1.53
C GLY A 32 -8.48 15.35 -0.82
N GLN A 33 -7.53 14.78 -1.58
CA GLN A 33 -6.26 14.30 -1.01
C GLN A 33 -5.09 14.73 -1.90
N ALA A 34 -3.90 14.85 -1.31
CA ALA A 34 -2.73 15.27 -2.07
C ALA A 34 -1.47 14.75 -1.43
N LEU A 35 -0.56 14.23 -2.25
CA LEU A 35 0.83 14.06 -1.82
C LEU A 35 1.66 15.28 -2.19
N SER A 36 2.44 15.78 -1.22
CA SER A 36 3.45 16.80 -1.52
C SER A 36 4.84 16.20 -1.29
N LEU A 37 5.78 16.49 -2.19
CA LEU A 37 7.21 16.16 -2.00
C LEU A 37 8.05 17.45 -1.97
N GLN A 38 8.90 17.58 -0.97
CA GLN A 38 9.68 18.77 -0.78
C GLN A 38 10.76 18.80 -1.86
N VAL A 39 10.99 19.97 -2.45
CA VAL A 39 11.91 20.15 -3.58
C VAL A 39 13.29 20.60 -3.11
N GLU A 40 14.33 19.93 -3.59
CA GLU A 40 15.70 20.36 -3.37
C GLU A 40 16.10 21.29 -4.50
N GLN A 41 15.84 20.87 -5.73
CA GLN A 41 16.25 21.63 -6.88
C GLN A 41 15.32 21.36 -8.06
N LEU A 42 14.66 22.42 -8.53
CA LEU A 42 13.98 22.40 -9.83
C LEU A 42 14.99 22.13 -10.94
N LEU A 43 14.68 21.15 -11.78
CA LEU A 43 15.58 20.67 -12.83
C LEU A 43 15.06 20.93 -14.23
N HIS A 44 13.74 20.83 -14.41
CA HIS A 44 13.09 21.05 -15.69
C HIS A 44 11.63 21.43 -15.49
N HIS A 45 11.13 22.41 -16.25
CA HIS A 45 9.69 22.67 -16.33
C HIS A 45 9.31 23.35 -17.66
N ARG A 46 8.93 22.51 -18.62
CA ARG A 46 8.51 22.98 -19.93
C ARG A 46 7.40 22.09 -20.49
N ARG A 47 6.53 22.68 -21.30
CA ARG A 47 5.54 21.92 -22.03
C ARG A 47 6.16 21.36 -23.31
N SER A 48 5.92 20.08 -23.61
CA SER A 48 6.27 19.48 -24.89
C SER A 48 5.14 19.75 -25.91
N ARG A 49 5.16 19.06 -27.07
CA ARG A 49 4.04 19.15 -28.01
C ARG A 49 2.83 18.36 -27.50
N TYR A 50 3.04 17.59 -26.43
CA TYR A 50 1.96 16.75 -25.86
C TYR A 50 1.50 17.07 -24.44
N GLN A 51 2.42 17.41 -23.55
CA GLN A 51 2.06 17.55 -22.15
C GLN A 51 3.03 18.44 -21.41
N ASP A 52 2.65 18.81 -20.19
CA ASP A 52 3.53 19.55 -19.32
C ASP A 52 4.49 18.63 -18.58
N ILE A 53 5.78 18.94 -18.64
CA ILE A 53 6.79 18.09 -18.01
C ILE A 53 7.52 18.89 -16.95
N LEU A 54 7.37 18.43 -15.70
CA LEU A 54 8.14 18.92 -14.55
C LEU A 54 9.08 17.81 -14.09
N VAL A 55 10.36 18.14 -13.94
CA VAL A 55 11.35 17.27 -13.29
C VAL A 55 12.04 18.07 -12.18
N PHE A 56 12.10 17.49 -10.98
CA PHE A 56 12.87 18.12 -9.87
C PHE A 56 13.62 17.10 -9.04
N ARG A 57 14.68 17.57 -8.38
CA ARG A 57 15.40 16.78 -7.41
C ARG A 57 14.69 17.03 -6.09
N SER A 58 14.14 15.96 -5.50
CA SER A 58 13.44 16.09 -4.23
C SER A 58 14.42 15.95 -3.09
N LYS A 59 14.02 16.44 -1.93
CA LYS A 59 14.80 16.26 -0.71
C LYS A 59 15.04 14.78 -0.38
N THR A 60 13.99 13.95 -0.46
CA THR A 60 14.10 12.58 0.05
C THR A 60 13.76 11.43 -0.89
N TYR A 61 13.35 11.70 -2.12
CA TYR A 61 12.97 10.65 -3.08
C TYR A 61 13.77 10.63 -4.39
N GLY A 62 14.92 11.29 -4.40
CA GLY A 62 15.72 11.42 -5.63
C GLY A 62 15.02 12.30 -6.65
N ASN A 63 15.28 12.06 -7.93
CA ASN A 63 14.63 12.83 -8.99
C ASN A 63 13.19 12.37 -9.24
N VAL A 64 12.33 13.32 -9.55
CA VAL A 64 10.87 13.11 -9.66
C VAL A 64 10.35 13.57 -11.07
N LEU A 65 9.76 12.66 -11.84
CA LEU A 65 9.13 13.05 -13.11
C LEU A 65 7.63 13.28 -12.91
N VAL A 66 7.16 14.44 -13.38
CA VAL A 66 5.76 14.81 -13.25
C VAL A 66 5.21 15.18 -14.63
N LEU A 67 4.12 14.54 -15.03
CA LEU A 67 3.49 14.80 -16.32
C LEU A 67 2.05 15.27 -16.10
N ASP A 68 1.75 16.47 -16.62
CA ASP A 68 0.49 17.20 -16.39
C ASP A 68 0.06 17.22 -14.93
N GLY A 69 1.02 17.54 -14.06
CA GLY A 69 0.77 17.62 -12.61
C GLY A 69 0.72 16.26 -11.90
N VAL A 70 0.85 15.17 -12.65
CA VAL A 70 0.78 13.83 -12.04
C VAL A 70 2.16 13.17 -11.93
N ILE A 71 2.54 12.76 -10.71
CA ILE A 71 3.79 12.06 -10.49
C ILE A 71 3.84 10.73 -11.28
N GLN A 72 4.86 10.58 -12.11
CA GLN A 72 5.05 9.34 -12.90
C GLN A 72 6.03 8.38 -12.21
N CYS A 73 7.08 8.95 -11.66
CA CYS A 73 8.09 8.16 -10.97
C CYS A 73 8.99 8.99 -10.10
N THR A 74 9.56 8.33 -9.08
CA THR A 74 10.64 8.86 -8.28
C THR A 74 11.72 7.80 -8.23
N GLU A 75 12.97 8.23 -8.18
CA GLU A 75 14.12 7.34 -8.10
C GLU A 75 14.08 6.39 -6.89
N ARG A 76 13.55 6.87 -5.77
CA ARG A 76 13.51 6.09 -4.53
C ARG A 76 12.56 4.88 -4.59
N ASP A 77 11.45 5.01 -5.30
CA ASP A 77 10.45 3.93 -5.19
C ASP A 77 10.01 3.32 -6.51
N GLU A 78 10.60 3.80 -7.61
CA GLU A 78 10.20 3.38 -8.96
C GLU A 78 10.28 1.88 -9.15
N PHE A 79 11.24 1.23 -8.49
CA PHE A 79 11.49 -0.21 -8.70
C PHE A 79 10.29 -1.11 -8.43
N SER A 80 9.39 -0.66 -7.54
N SER A 80 9.37 -0.67 -7.56
CA SER A 80 8.19 -1.43 -7.21
CA SER A 80 8.20 -1.48 -7.22
C SER A 80 7.29 -1.59 -8.43
C SER A 80 7.20 -1.60 -8.37
N TYR A 81 6.82 -0.47 -8.96
CA TYR A 81 5.94 -0.47 -10.15
C TYR A 81 6.64 -1.10 -11.38
N GLN A 82 7.89 -0.70 -11.57
CA GLN A 82 8.66 -1.14 -12.72
C GLN A 82 8.86 -2.65 -12.74
N GLU A 83 9.28 -3.19 -11.60
CA GLU A 83 9.51 -4.61 -11.50
C GLU A 83 8.20 -5.40 -11.64
N MET A 84 7.13 -4.91 -11.02
CA MET A 84 5.87 -5.66 -11.03
C MET A 84 5.20 -5.64 -12.40
N ILE A 85 5.16 -4.48 -13.04
CA ILE A 85 4.47 -4.37 -14.32
C ILE A 85 5.16 -5.23 -15.38
N ALA A 86 6.48 -5.39 -15.24
CA ALA A 86 7.30 -6.24 -16.10
C ALA A 86 7.17 -7.75 -15.76
N ASN A 87 7.39 -8.10 -14.49
CA ASN A 87 7.45 -9.51 -14.10
C ASN A 87 6.11 -10.24 -13.92
N LEU A 88 5.04 -9.50 -13.59
CA LEU A 88 3.75 -10.13 -13.45
C LEU A 88 3.36 -10.81 -14.78
N PRO A 89 3.37 -10.06 -15.91
CA PRO A 89 3.08 -10.78 -17.17
C PRO A 89 4.18 -11.76 -17.63
N LEU A 90 5.45 -11.36 -17.53
CA LEU A 90 6.56 -12.20 -18.02
C LEU A 90 6.63 -13.56 -17.31
N CYS A 91 6.51 -13.54 -15.98
CA CYS A 91 6.49 -14.75 -15.19
C CYS A 91 5.14 -15.48 -15.25
N SER A 92 4.16 -14.91 -15.93
CA SER A 92 2.89 -15.62 -16.18
C SER A 92 2.81 -16.20 -17.60
N HIS A 93 3.92 -16.18 -18.34
CA HIS A 93 4.00 -16.72 -19.70
C HIS A 93 5.14 -17.75 -19.69
N PRO A 94 4.93 -18.96 -20.28
CA PRO A 94 5.97 -19.99 -20.19
C PRO A 94 7.26 -19.64 -20.93
N ASN A 95 7.16 -18.81 -21.96
CA ASN A 95 8.34 -18.51 -22.77
C ASN A 95 8.13 -17.25 -23.56
N PRO A 96 8.19 -16.08 -22.87
CA PRO A 96 7.93 -14.83 -23.58
C PRO A 96 9.15 -14.37 -24.40
N ARG A 97 8.98 -14.29 -25.72
N ARG A 97 9.00 -14.28 -25.73
CA ARG A 97 10.09 -13.99 -26.64
CA ARG A 97 10.14 -13.91 -26.58
C ARG A 97 9.99 -12.57 -27.24
C ARG A 97 10.00 -12.51 -27.21
N LYS A 98 8.77 -12.11 -27.51
CA LYS A 98 8.51 -10.83 -28.19
C LYS A 98 7.59 -9.97 -27.33
N VAL A 99 8.08 -8.80 -26.94
CA VAL A 99 7.42 -7.96 -25.96
C VAL A 99 7.14 -6.59 -26.57
N LEU A 100 5.94 -6.07 -26.34
CA LEU A 100 5.58 -4.71 -26.71
C LEU A 100 5.31 -3.89 -25.47
N ILE A 101 5.92 -2.71 -25.39
CA ILE A 101 5.62 -1.75 -24.29
C ILE A 101 4.97 -0.52 -24.89
N ILE A 102 3.81 -0.13 -24.37
CA ILE A 102 3.16 1.10 -24.80
C ILE A 102 3.37 2.15 -23.69
N GLY A 103 3.90 3.30 -24.05
CA GLY A 103 4.28 4.29 -23.05
C GLY A 103 5.66 3.97 -22.49
N GLY A 104 5.81 4.02 -21.17
CA GLY A 104 7.08 3.67 -20.55
C GLY A 104 8.23 4.62 -20.90
N GLY A 105 7.91 5.91 -21.03
CA GLY A 105 8.90 6.91 -21.49
C GLY A 105 10.17 7.08 -20.67
N ASP A 106 10.09 6.74 -19.39
CA ASP A 106 11.26 6.82 -18.50
C ASP A 106 12.27 5.69 -18.74
N GLY A 107 11.85 4.64 -19.47
CA GLY A 107 12.73 3.54 -19.86
C GLY A 107 12.86 2.46 -18.80
N GLY A 108 12.25 2.66 -17.64
CA GLY A 108 12.36 1.71 -16.51
C GLY A 108 11.75 0.34 -16.77
N VAL A 109 10.61 0.31 -17.45
CA VAL A 109 9.99 -0.98 -17.80
C VAL A 109 10.88 -1.76 -18.78
N LEU A 110 11.42 -1.08 -19.79
CA LEU A 110 12.42 -1.65 -20.71
C LEU A 110 13.61 -2.28 -19.96
N ARG A 111 14.14 -1.54 -19.01
CA ARG A 111 15.20 -2.04 -18.11
C ARG A 111 14.87 -3.38 -17.43
N GLU A 112 13.63 -3.55 -16.99
CA GLU A 112 13.21 -4.79 -16.31
C GLU A 112 12.93 -5.93 -17.30
N VAL A 113 12.33 -5.58 -18.42
CA VAL A 113 11.93 -6.61 -19.40
C VAL A 113 13.17 -7.34 -19.94
N VAL A 114 14.23 -6.60 -20.24
CA VAL A 114 15.43 -7.16 -20.86
C VAL A 114 16.27 -8.12 -20.01
N LYS A 115 16.01 -8.11 -18.71
CA LYS A 115 16.61 -9.06 -17.76
C LYS A 115 16.20 -10.52 -17.96
N HIS A 116 15.11 -10.77 -18.68
CA HIS A 116 14.69 -12.12 -19.03
C HIS A 116 15.40 -12.63 -20.27
N PRO A 117 16.27 -13.64 -20.13
CA PRO A 117 16.98 -14.22 -21.31
C PRO A 117 16.03 -14.70 -22.42
N SER A 118 14.83 -15.16 -22.05
CA SER A 118 13.83 -15.59 -23.04
C SER A 118 13.45 -14.48 -24.02
N VAL A 119 13.51 -13.23 -23.56
CA VAL A 119 13.12 -12.06 -24.35
C VAL A 119 14.15 -11.69 -25.41
N GLU A 120 13.73 -11.76 -26.67
CA GLU A 120 14.60 -11.53 -27.82
C GLU A 120 14.50 -10.13 -28.40
N SER A 121 13.26 -9.62 -28.43
CA SER A 121 13.02 -8.29 -28.95
C SER A 121 11.98 -7.56 -28.12
N VAL A 122 12.22 -6.29 -27.87
CA VAL A 122 11.26 -5.42 -27.21
C VAL A 122 11.01 -4.26 -28.14
N VAL A 123 9.74 -4.04 -28.47
CA VAL A 123 9.30 -2.89 -29.19
C VAL A 123 8.65 -1.96 -28.15
N GLN A 124 8.97 -0.67 -28.19
CA GLN A 124 8.30 0.34 -27.36
C GLN A 124 7.73 1.42 -28.27
N CYS A 125 6.50 1.83 -27.99
CA CYS A 125 5.91 2.93 -28.70
C CYS A 125 5.56 3.95 -27.66
N GLU A 126 6.29 5.07 -27.68
CA GLU A 126 6.09 6.19 -26.74
C GLU A 126 5.70 7.42 -27.56
N ILE A 127 4.64 8.11 -27.15
CA ILE A 127 4.09 9.28 -27.88
C ILE A 127 4.97 10.55 -27.88
N ASP A 128 5.71 10.76 -26.80
CA ASP A 128 6.35 12.04 -26.57
C ASP A 128 7.88 11.97 -26.54
N GLU A 129 8.52 12.39 -27.65
CA GLU A 129 9.97 12.39 -27.72
C GLU A 129 10.67 13.19 -26.60
N ASP A 130 10.00 14.22 -26.07
CA ASP A 130 10.61 15.06 -25.01
C ASP A 130 10.76 14.29 -23.69
N VAL A 131 9.79 13.43 -23.36
CA VAL A 131 9.87 12.60 -22.14
C VAL A 131 11.11 11.69 -22.21
N ILE A 132 11.35 11.12 -23.40
CA ILE A 132 12.52 10.30 -23.60
C ILE A 132 13.81 11.07 -23.28
N GLN A 133 13.93 12.30 -23.79
CA GLN A 133 15.12 13.12 -23.55
C GLN A 133 15.31 13.58 -22.09
N VAL A 134 14.25 14.04 -21.43
CA VAL A 134 14.38 14.43 -20.00
C VAL A 134 14.68 13.21 -19.12
N SER A 135 14.11 12.04 -19.47
CA SER A 135 14.42 10.83 -18.71
C SER A 135 15.87 10.44 -18.90
N LYS A 136 16.41 10.51 -20.12
CA LYS A 136 17.83 10.19 -20.32
C LYS A 136 18.78 11.08 -19.50
N LYS A 137 18.40 12.35 -19.36
CA LYS A 137 19.20 13.31 -18.61
C LYS A 137 19.00 13.18 -17.09
N PHE A 138 17.75 13.10 -16.65
CA PHE A 138 17.43 13.23 -15.22
C PHE A 138 17.04 11.93 -14.54
N LEU A 139 16.74 10.89 -15.32
CA LEU A 139 16.45 9.57 -14.76
C LEU A 139 17.36 8.48 -15.35
N PRO A 140 18.70 8.64 -15.28
CA PRO A 140 19.58 7.74 -16.00
C PRO A 140 19.50 6.29 -15.53
N GLY A 141 19.15 6.07 -14.26
CA GLY A 141 18.98 4.72 -13.76
C GLY A 141 17.75 4.02 -14.32
N MET A 142 16.84 4.80 -14.88
CA MET A 142 15.67 4.21 -15.53
C MET A 142 15.94 4.20 -17.04
N ALA A 143 16.43 5.32 -17.56
CA ALA A 143 16.59 5.50 -19.01
C ALA A 143 17.71 4.65 -19.61
N ILE A 144 18.48 4.03 -18.73
CA ILE A 144 19.46 2.99 -19.12
C ILE A 144 18.81 1.86 -19.94
N GLY A 145 17.51 1.62 -19.69
CA GLY A 145 16.71 0.68 -20.47
C GLY A 145 16.77 0.91 -21.97
N TYR A 146 16.93 2.18 -22.37
CA TYR A 146 16.97 2.55 -23.79
C TYR A 146 18.22 2.05 -24.54
N SER A 147 19.27 1.74 -23.80
CA SER A 147 20.55 1.36 -24.38
C SER A 147 20.75 -0.14 -24.54
N SER A 148 19.67 -0.85 -24.86
CA SER A 148 19.74 -2.28 -25.09
C SER A 148 19.64 -2.52 -26.59
N SER A 149 20.44 -3.47 -27.09
CA SER A 149 20.36 -3.88 -28.51
C SER A 149 19.07 -4.68 -28.81
N LYS A 150 18.35 -5.12 -27.77
CA LYS A 150 17.07 -5.83 -27.97
C LYS A 150 15.91 -4.89 -28.38
N LEU A 151 16.10 -3.58 -28.25
CA LEU A 151 15.02 -2.60 -28.40
C LEU A 151 14.76 -2.12 -29.84
N THR A 152 13.49 -2.06 -30.23
CA THR A 152 13.07 -1.27 -31.38
C THR A 152 12.16 -0.16 -30.88
N LEU A 153 12.57 1.09 -31.08
CA LEU A 153 11.80 2.22 -30.56
C LEU A 153 10.97 2.91 -31.64
N HIS A 154 9.69 3.15 -31.37
CA HIS A 154 8.85 4.04 -32.17
C HIS A 154 8.34 5.20 -31.30
N VAL A 155 8.24 6.36 -31.92
CA VAL A 155 7.62 7.54 -31.28
C VAL A 155 6.27 7.74 -31.95
N GLY A 156 5.20 7.54 -31.20
CA GLY A 156 3.86 7.72 -31.74
C GLY A 156 2.82 7.33 -30.72
N ASP A 157 1.56 7.51 -31.09
CA ASP A 157 0.45 7.11 -30.27
C ASP A 157 0.32 5.58 -30.30
N GLY A 158 0.36 4.97 -29.11
CA GLY A 158 0.30 3.52 -28.98
C GLY A 158 -1.03 2.89 -29.42
N PHE A 159 -2.12 3.66 -29.36
CA PHE A 159 -3.44 3.19 -29.83
C PHE A 159 -3.44 2.93 -31.33
N GLU A 160 -2.98 3.93 -32.08
CA GLU A 160 -2.75 3.81 -33.51
C GLU A 160 -1.70 2.76 -33.87
N PHE A 161 -0.62 2.70 -33.09
CA PHE A 161 0.42 1.71 -33.31
C PHE A 161 -0.14 0.31 -33.19
N MET A 162 -1.05 0.13 -32.24
CA MET A 162 -1.63 -1.19 -31.98
C MET A 162 -2.35 -1.74 -33.22
N LYS A 163 -3.06 -0.87 -33.94
CA LYS A 163 -3.70 -1.23 -35.21
C LYS A 163 -2.77 -1.89 -36.22
N GLN A 164 -1.49 -1.51 -36.19
CA GLN A 164 -0.49 -2.00 -37.15
C GLN A 164 -0.01 -3.44 -36.89
N ASN A 165 -0.34 -4.00 -35.73
CA ASN A 165 0.21 -5.32 -35.36
C ASN A 165 -0.83 -6.40 -35.09
N GLN A 166 -0.57 -7.58 -35.63
CA GLN A 166 -1.49 -8.69 -35.52
C GLN A 166 -0.69 -9.96 -35.28
N ASP A 167 -1.07 -10.70 -34.23
CA ASP A 167 -0.45 -12.00 -33.94
C ASP A 167 1.08 -11.82 -33.83
N ALA A 168 1.51 -10.76 -33.14
CA ALA A 168 2.91 -10.36 -33.18
C ALA A 168 3.67 -10.43 -31.85
N PHE A 169 2.97 -10.42 -30.72
CA PHE A 169 3.64 -10.33 -29.41
C PHE A 169 3.19 -11.39 -28.43
N ASP A 170 4.13 -11.88 -27.62
CA ASP A 170 3.85 -12.78 -26.51
C ASP A 170 3.34 -12.00 -25.30
N VAL A 171 3.87 -10.80 -25.13
CA VAL A 171 3.50 -9.93 -24.00
C VAL A 171 3.35 -8.48 -24.46
N ILE A 172 2.25 -7.86 -24.04
CA ILE A 172 2.06 -6.43 -24.22
C ILE A 172 1.92 -5.79 -22.85
N ILE A 173 2.72 -4.75 -22.60
CA ILE A 173 2.65 -3.96 -21.35
C ILE A 173 2.22 -2.54 -21.69
N THR A 174 1.17 -2.04 -21.05
CA THR A 174 0.82 -0.63 -21.23
C THR A 174 1.21 0.08 -19.93
N ASP A 175 2.31 0.81 -20.01
CA ASP A 175 2.83 1.55 -18.87
C ASP A 175 2.45 3.00 -19.06
N SER A 176 1.24 3.33 -18.61
CA SER A 176 0.65 4.63 -18.88
C SER A 176 0.47 5.43 -17.58
N SER A 177 0.27 6.75 -17.72
CA SER A 177 -0.33 7.54 -16.64
C SER A 177 -1.85 7.25 -16.62
N ASP A 178 -2.61 8.17 -16.02
CA ASP A 178 -4.03 7.96 -15.74
C ASP A 178 -4.92 8.16 -16.96
N PRO A 179 -6.21 7.75 -16.87
CA PRO A 179 -7.13 7.90 -18.04
C PRO A 179 -7.46 9.39 -18.31
N MET A 180 -6.49 10.09 -18.89
CA MET A 180 -6.48 11.55 -19.00
C MET A 180 -5.52 11.93 -20.11
N GLY A 181 -5.80 13.03 -20.79
CA GLY A 181 -4.86 13.57 -21.78
C GLY A 181 -4.51 12.52 -22.81
N PRO A 182 -3.23 12.43 -23.21
CA PRO A 182 -2.91 11.52 -24.32
C PRO A 182 -3.13 10.04 -24.00
N ALA A 183 -3.30 9.71 -22.71
CA ALA A 183 -3.41 8.31 -22.25
C ALA A 183 -4.85 7.79 -22.23
N GLU A 184 -5.81 8.68 -22.44
CA GLU A 184 -7.24 8.38 -22.24
C GLU A 184 -7.73 7.16 -23.01
N SER A 185 -7.34 7.06 -24.28
CA SER A 185 -7.77 5.95 -25.15
C SER A 185 -7.20 4.60 -24.72
N LEU A 186 -6.13 4.63 -23.91
CA LEU A 186 -5.44 3.42 -23.46
C LEU A 186 -6.22 2.61 -22.41
N PHE A 187 -7.30 3.21 -21.90
CA PHE A 187 -8.15 2.58 -20.91
C PHE A 187 -9.48 2.10 -21.49
N LYS A 188 -9.65 2.23 -22.80
CA LYS A 188 -10.92 1.95 -23.49
C LYS A 188 -11.00 0.51 -24.00
N GLU A 189 -12.22 -0.04 -24.05
CA GLU A 189 -12.47 -1.37 -24.62
C GLU A 189 -11.90 -1.57 -26.04
N SER A 190 -11.98 -0.54 -26.88
CA SER A 190 -11.47 -0.64 -28.26
C SER A 190 -9.95 -0.86 -28.27
N TYR A 191 -9.28 -0.29 -27.27
CA TYR A 191 -7.84 -0.50 -27.12
C TYR A 191 -7.52 -1.95 -26.71
N TYR A 192 -8.29 -2.48 -25.76
CA TYR A 192 -8.17 -3.87 -25.34
C TYR A 192 -8.43 -4.90 -26.48
N GLN A 193 -9.38 -4.61 -27.36
CA GLN A 193 -9.58 -5.40 -28.58
C GLN A 193 -8.39 -5.33 -29.52
N LEU A 194 -7.82 -4.15 -29.68
CA LEU A 194 -6.62 -4.02 -30.49
C LEU A 194 -5.46 -4.85 -29.95
N MET A 195 -5.21 -4.77 -28.64
CA MET A 195 -4.20 -5.62 -27.99
C MET A 195 -4.47 -7.12 -28.16
N LYS A 196 -5.72 -7.53 -27.98
CA LYS A 196 -6.07 -8.94 -28.19
C LYS A 196 -5.59 -9.38 -29.57
N THR A 197 -5.91 -8.58 -30.58
CA THR A 197 -5.48 -8.88 -31.96
C THR A 197 -3.95 -8.86 -32.13
N ALA A 198 -3.26 -7.93 -31.47
CA ALA A 198 -1.79 -7.84 -31.55
C ALA A 198 -1.04 -8.99 -30.85
N LEU A 199 -1.69 -9.62 -29.89
CA LEU A 199 -1.10 -10.75 -29.20
C LEU A 199 -1.15 -12.01 -30.07
N LYS A 200 -0.16 -12.88 -29.92
CA LYS A 200 -0.24 -14.24 -30.45
C LYS A 200 -1.32 -15.05 -29.72
N GLU A 201 -1.56 -16.29 -30.16
CA GLU A 201 -2.72 -17.08 -29.66
C GLU A 201 -2.76 -17.34 -28.15
N ASP A 202 -1.58 -17.44 -27.55
CA ASP A 202 -1.43 -17.69 -26.11
C ASP A 202 -0.76 -16.49 -25.41
N GLY A 203 -0.87 -15.30 -26.00
CA GLY A 203 -0.25 -14.10 -25.45
C GLY A 203 -0.93 -13.58 -24.21
N VAL A 204 -0.18 -12.80 -23.42
CA VAL A 204 -0.68 -12.15 -22.21
C VAL A 204 -0.38 -10.63 -22.27
N LEU A 205 -1.19 -9.86 -21.56
CA LEU A 205 -1.02 -8.42 -21.49
C LEU A 205 -1.07 -7.97 -20.02
N CYS A 206 -0.37 -6.89 -19.72
CA CYS A 206 -0.42 -6.26 -18.41
C CYS A 206 -0.52 -4.75 -18.57
N CYS A 207 -1.54 -4.12 -18.00
CA CYS A 207 -1.67 -2.67 -18.08
C CYS A 207 -1.78 -2.05 -16.70
N GLN A 208 -1.29 -0.82 -16.58
CA GLN A 208 -1.47 -0.03 -15.38
C GLN A 208 -2.99 0.03 -15.17
N GLY A 209 -3.46 -0.44 -14.01
CA GLY A 209 -4.89 -0.68 -13.77
C GLY A 209 -5.49 0.07 -12.58
N GLU A 210 -4.79 1.10 -12.11
CA GLU A 210 -5.30 2.03 -11.11
C GLU A 210 -5.50 1.44 -9.71
N CYS A 211 -5.99 2.26 -8.79
CA CYS A 211 -5.89 2.00 -7.38
C CYS A 211 -7.21 1.49 -6.79
N GLN A 212 -7.15 0.36 -6.12
CA GLN A 212 -8.35 -0.26 -5.54
C GLN A 212 -9.00 0.55 -4.40
N TRP A 213 -8.25 1.48 -3.81
CA TRP A 213 -8.81 2.33 -2.74
C TRP A 213 -9.42 3.58 -3.32
N LEU A 214 -9.37 3.74 -4.65
CA LEU A 214 -9.77 5.00 -5.29
C LEU A 214 -10.65 4.81 -6.51
N HIS A 215 -10.38 3.74 -7.27
CA HIS A 215 -10.91 3.58 -8.62
C HIS A 215 -11.62 2.24 -8.81
N LEU A 216 -12.25 1.74 -7.74
CA LEU A 216 -12.86 0.42 -7.81
C LEU A 216 -13.92 0.31 -8.92
N ASP A 217 -14.66 1.41 -9.15
CA ASP A 217 -15.62 1.53 -10.26
C ASP A 217 -14.97 1.24 -11.62
N LEU A 218 -13.93 2.00 -11.95
CA LEU A 218 -13.13 1.73 -13.16
C LEU A 218 -12.53 0.31 -13.19
N ILE A 219 -11.95 -0.13 -12.08
CA ILE A 219 -11.41 -1.50 -12.04
C ILE A 219 -12.49 -2.55 -12.39
N LYS A 220 -13.67 -2.45 -11.77
CA LYS A 220 -14.77 -3.41 -12.06
C LYS A 220 -15.25 -3.33 -13.53
N GLU A 221 -15.35 -2.11 -14.05
CA GLU A 221 -15.81 -1.88 -15.42
C GLU A 221 -14.82 -2.46 -16.44
N MET A 222 -13.53 -2.23 -16.20
CA MET A 222 -12.50 -2.76 -17.09
C MET A 222 -12.50 -4.28 -17.08
N ARG A 223 -12.66 -4.84 -15.88
CA ARG A 223 -12.78 -6.28 -15.64
C ARG A 223 -13.93 -6.92 -16.41
N GLN A 224 -15.11 -6.31 -16.33
CA GLN A 224 -16.29 -6.73 -17.08
C GLN A 224 -16.03 -6.76 -18.58
N PHE A 225 -15.55 -5.66 -19.16
CA PHE A 225 -15.27 -5.69 -20.61
C PHE A 225 -14.13 -6.60 -21.05
N CYS A 226 -13.12 -6.77 -20.19
CA CYS A 226 -12.05 -7.73 -20.50
C CYS A 226 -12.50 -9.19 -20.40
N GLN A 227 -13.46 -9.49 -19.52
CA GLN A 227 -13.99 -10.86 -19.40
C GLN A 227 -14.78 -11.26 -20.66
N SER A 228 -15.31 -10.28 -21.37
CA SER A 228 -15.96 -10.59 -22.63
C SER A 228 -14.95 -10.81 -23.77
N LEU A 229 -13.67 -10.52 -23.53
CA LEU A 229 -12.64 -10.60 -24.59
C LEU A 229 -11.61 -11.73 -24.40
N PHE A 230 -11.28 -12.01 -23.14
CA PHE A 230 -10.22 -12.97 -22.80
C PHE A 230 -10.80 -14.00 -21.84
N PRO A 231 -10.36 -15.27 -21.96
CA PRO A 231 -10.70 -16.35 -21.05
C PRO A 231 -10.26 -16.13 -19.59
N VAL A 232 -9.15 -15.41 -19.40
CA VAL A 232 -8.54 -15.22 -18.08
C VAL A 232 -8.26 -13.73 -17.85
N VAL A 233 -8.86 -13.19 -16.80
CA VAL A 233 -8.68 -11.79 -16.43
C VAL A 233 -8.42 -11.74 -14.91
N ALA A 234 -7.38 -10.97 -14.53
CA ALA A 234 -7.03 -10.84 -13.13
C ALA A 234 -6.61 -9.41 -12.77
N TYR A 235 -6.57 -9.13 -11.46
CA TYR A 235 -6.10 -7.84 -10.93
C TYR A 235 -5.11 -8.09 -9.79
N ALA A 236 -3.96 -7.43 -9.88
CA ALA A 236 -2.89 -7.50 -8.88
C ALA A 236 -2.46 -6.08 -8.55
N TYR A 237 -1.90 -5.88 -7.36
CA TYR A 237 -1.44 -4.55 -6.97
C TYR A 237 -0.04 -4.60 -6.34
N CYS A 238 0.61 -3.45 -6.32
CA CYS A 238 1.88 -3.31 -5.60
C CYS A 238 1.81 -2.05 -4.74
N THR A 239 2.65 -1.98 -3.70
CA THR A 239 2.74 -0.75 -2.92
C THR A 239 3.87 0.13 -3.44
N ILE A 240 3.57 1.43 -3.48
CA ILE A 240 4.49 2.44 -3.98
C ILE A 240 4.07 3.75 -3.32
N PRO A 241 4.88 4.24 -2.36
CA PRO A 241 4.51 5.41 -1.55
C PRO A 241 4.06 6.63 -2.35
N THR A 242 4.69 6.89 -3.51
CA THR A 242 4.39 8.10 -4.30
C THR A 242 3.33 8.03 -5.42
N TYR A 243 2.57 6.93 -5.52
CA TYR A 243 1.32 6.96 -6.29
C TYR A 243 0.17 7.22 -5.32
N PRO A 244 -0.97 7.76 -5.82
CA PRO A 244 -2.09 8.13 -4.95
C PRO A 244 -2.60 6.98 -4.11
N SER A 245 -2.75 7.28 -2.81
CA SER A 245 -3.14 6.30 -1.79
C SER A 245 -2.08 5.22 -1.51
N GLY A 246 -0.87 5.41 -2.04
CA GLY A 246 0.28 4.57 -1.70
C GLY A 246 0.37 3.24 -2.43
N GLN A 247 -0.43 3.06 -3.46
CA GLN A 247 -0.39 1.80 -4.17
C GLN A 247 -1.01 1.92 -5.55
N ILE A 248 -0.75 0.96 -6.41
CA ILE A 248 -1.46 0.91 -7.68
C ILE A 248 -1.55 -0.55 -8.14
N GLY A 249 -2.49 -0.82 -9.04
CA GLY A 249 -2.73 -2.15 -9.54
C GLY A 249 -2.50 -2.30 -11.02
N PHE A 250 -2.79 -3.52 -11.50
CA PHE A 250 -2.48 -3.98 -12.85
C PHE A 250 -3.61 -4.86 -13.34
N MET A 251 -4.10 -4.51 -14.53
CA MET A 251 -4.98 -5.38 -15.29
C MET A 251 -4.15 -6.43 -16.02
N LEU A 252 -4.51 -7.69 -15.84
CA LEU A 252 -3.82 -8.79 -16.52
C LEU A 252 -4.82 -9.64 -17.28
N CYS A 253 -4.51 -9.91 -18.56
CA CYS A 253 -5.41 -10.68 -19.41
C CYS A 253 -4.61 -11.67 -20.18
N SER A 254 -5.20 -12.84 -20.44
CA SER A 254 -4.52 -13.84 -21.24
C SER A 254 -5.48 -14.42 -22.25
N LYS A 255 -4.96 -14.71 -23.44
CA LYS A 255 -5.71 -15.44 -24.47
C LYS A 255 -5.59 -16.94 -24.28
N ASN A 256 -4.72 -17.35 -23.36
CA ASN A 256 -4.58 -18.75 -22.95
C ASN A 256 -5.52 -19.09 -21.78
N PRO A 257 -6.54 -19.95 -22.02
CA PRO A 257 -7.48 -20.33 -20.95
C PRO A 257 -6.80 -21.07 -19.81
N SER A 258 -5.59 -21.60 -20.05
CA SER A 258 -4.87 -22.32 -19.00
C SER A 258 -4.05 -21.40 -18.07
N THR A 259 -3.92 -20.13 -18.43
CA THR A 259 -3.10 -19.18 -17.65
C THR A 259 -3.70 -19.03 -16.27
N ASN A 260 -2.86 -19.12 -15.24
CA ASN A 260 -3.24 -18.87 -13.86
C ASN A 260 -2.28 -17.76 -13.36
N PHE A 261 -2.79 -16.53 -13.36
CA PHE A 261 -1.95 -15.39 -12.99
C PHE A 261 -1.43 -15.43 -11.55
N GLN A 262 -2.23 -15.84 -10.58
N GLN A 262 -2.25 -15.93 -10.64
CA GLN A 262 -1.73 -15.80 -9.19
CA GLN A 262 -1.98 -15.98 -9.20
C GLN A 262 -0.57 -16.76 -8.94
C GLN A 262 -0.83 -16.90 -8.80
N GLU A 263 -0.56 -17.91 -9.62
CA GLU A 263 0.54 -18.84 -9.45
C GLU A 263 1.50 -18.69 -10.64
N PRO A 264 2.67 -18.05 -10.43
CA PRO A 264 3.57 -17.82 -11.58
C PRO A 264 4.00 -19.14 -12.28
N VAL A 265 3.75 -19.23 -13.58
CA VAL A 265 4.17 -20.39 -14.38
C VAL A 265 5.72 -20.40 -14.50
N GLN A 266 6.31 -19.21 -14.34
CA GLN A 266 7.78 -19.12 -14.21
C GLN A 266 8.20 -18.65 -12.81
N PRO A 267 8.28 -19.58 -11.85
CA PRO A 267 8.78 -19.17 -10.55
C PRO A 267 10.26 -18.77 -10.66
N LEU A 268 10.70 -17.89 -9.79
CA LEU A 268 12.11 -17.48 -9.76
C LEU A 268 12.75 -17.99 -8.48
N THR A 269 13.97 -18.49 -8.60
CA THR A 269 14.72 -18.96 -7.45
C THR A 269 15.27 -17.70 -6.77
N GLN A 270 15.73 -17.84 -5.54
CA GLN A 270 16.37 -16.75 -4.84
C GLN A 270 17.58 -16.26 -5.64
N GLN A 271 18.32 -17.20 -6.25
CA GLN A 271 19.46 -16.83 -7.07
C GLN A 271 19.04 -15.98 -8.27
N GLN A 272 17.94 -16.34 -8.95
CA GLN A 272 17.47 -15.52 -10.07
C GLN A 272 17.10 -14.11 -9.62
N VAL A 273 16.44 -14.03 -8.47
CA VAL A 273 16.12 -12.75 -7.87
C VAL A 273 17.39 -11.93 -7.60
N ALA A 274 18.45 -12.55 -7.08
CA ALA A 274 19.73 -11.87 -6.89
C ALA A 274 20.36 -11.43 -8.21
N GLN A 275 20.39 -12.36 -9.17
CA GLN A 275 20.95 -12.10 -10.51
C GLN A 275 20.27 -10.96 -11.26
N MET A 276 18.96 -10.85 -11.10
CA MET A 276 18.16 -9.77 -11.70
C MET A 276 18.18 -8.48 -10.86
N GLN A 277 18.84 -8.52 -9.69
CA GLN A 277 18.99 -7.33 -8.80
C GLN A 277 17.66 -6.75 -8.34
N LEU A 278 16.66 -7.61 -8.21
CA LEU A 278 15.29 -7.18 -7.90
C LEU A 278 15.22 -6.67 -6.48
N LYS A 279 14.47 -5.59 -6.31
CA LYS A 279 14.36 -4.90 -5.03
C LYS A 279 12.94 -5.04 -4.47
N TYR A 280 11.99 -5.43 -5.32
CA TYR A 280 10.59 -5.62 -4.90
C TYR A 280 10.06 -7.01 -5.27
N TYR A 281 10.09 -7.33 -6.58
CA TYR A 281 9.48 -8.57 -7.08
C TYR A 281 10.23 -9.83 -6.61
N ASN A 282 9.45 -10.85 -6.22
CA ASN A 282 9.89 -12.25 -6.10
C ASN A 282 8.62 -13.07 -6.25
N SER A 283 8.74 -14.40 -6.31
CA SER A 283 7.58 -15.25 -6.63
C SER A 283 6.55 -15.27 -5.52
N ASP A 284 6.97 -15.17 -4.27
CA ASP A 284 6.00 -14.99 -3.19
C ASP A 284 5.26 -13.66 -3.27
N VAL A 285 5.97 -12.59 -3.59
CA VAL A 285 5.37 -11.27 -3.74
C VAL A 285 4.34 -11.30 -4.89
N HIS A 286 4.70 -12.02 -5.96
CA HIS A 286 3.83 -12.22 -7.12
C HIS A 286 2.51 -12.81 -6.63
N ARG A 287 2.60 -13.93 -5.90
CA ARG A 287 1.40 -14.62 -5.41
C ARG A 287 0.52 -13.73 -4.52
N ALA A 288 1.16 -13.03 -3.56
CA ALA A 288 0.46 -12.19 -2.58
C ALA A 288 -0.19 -10.96 -3.20
N ALA A 289 0.35 -10.51 -4.34
CA ALA A 289 -0.14 -9.32 -5.02
C ALA A 289 -1.56 -9.46 -5.58
N PHE A 290 -2.05 -10.70 -5.66
CA PHE A 290 -3.44 -10.97 -6.03
C PHE A 290 -4.42 -11.12 -4.86
N VAL A 291 -3.88 -11.14 -3.64
CA VAL A 291 -4.70 -11.22 -2.43
C VAL A 291 -5.14 -9.81 -2.02
N LEU A 292 -6.40 -9.49 -2.31
CA LEU A 292 -6.91 -8.15 -2.07
C LEU A 292 -7.62 -8.05 -0.73
N PRO A 293 -7.63 -6.83 -0.15
CA PRO A 293 -8.48 -6.55 1.04
C PRO A 293 -9.88 -7.06 0.75
N GLU A 294 -10.56 -7.48 1.80
CA GLU A 294 -11.90 -8.05 1.67
C GLU A 294 -12.86 -7.23 0.80
N PHE A 295 -12.87 -5.89 0.98
CA PHE A 295 -13.78 -5.01 0.24
C PHE A 295 -13.56 -5.11 -1.26
N ALA A 296 -12.30 -5.22 -1.67
CA ALA A 296 -11.99 -5.31 -3.10
C ALA A 296 -12.16 -6.73 -3.65
N ARG A 297 -11.79 -7.75 -2.89
CA ARG A 297 -12.10 -9.12 -3.27
C ARG A 297 -13.62 -9.30 -3.51
N LYS A 298 -14.43 -8.79 -2.58
CA LYS A 298 -15.89 -8.82 -2.69
C LYS A 298 -16.40 -8.06 -3.92
N ALA A 299 -15.91 -6.83 -4.12
CA ALA A 299 -16.40 -5.99 -5.20
C ALA A 299 -16.08 -6.62 -6.55
N LEU A 300 -14.92 -7.26 -6.63
CA LEU A 300 -14.44 -7.81 -7.88
C LEU A 300 -14.89 -9.23 -8.16
N ASN A 301 -15.28 -9.97 -7.12
CA ASN A 301 -15.54 -11.39 -7.30
C ASN A 301 -16.94 -11.87 -6.95
N ASP A 302 -17.63 -11.15 -6.06
CA ASP A 302 -18.92 -11.60 -5.58
C ASP A 302 -20.06 -11.03 -6.45
N VAL A 303 -21.03 -11.87 -6.79
CA VAL A 303 -22.14 -11.43 -7.64
C VAL A 303 -23.23 -10.81 -6.78
N SER A 304 -23.88 -9.78 -7.30
CA SER A 304 -24.84 -8.96 -6.52
C SER A 304 -26.13 -8.69 -7.30
N ALA B 16 -4.43 26.13 11.90
CA ALA B 16 -2.97 26.46 11.83
C ALA B 16 -2.24 25.45 10.95
N ALA B 17 -2.58 24.17 11.15
CA ALA B 17 -2.20 23.10 10.27
C ALA B 17 -3.15 23.09 9.06
N ILE B 18 -4.20 23.92 9.16
CA ILE B 18 -5.16 24.10 8.09
C ILE B 18 -4.92 25.45 7.39
N ARG B 19 -4.61 25.39 6.10
CA ARG B 19 -4.41 26.59 5.30
C ARG B 19 -5.09 26.41 3.96
N GLU B 20 -5.81 27.44 3.54
CA GLU B 20 -6.54 27.47 2.26
C GLU B 20 -7.39 26.21 2.04
N GLY B 21 -8.06 25.76 3.10
CA GLY B 21 -8.98 24.65 3.03
C GLY B 21 -8.38 23.26 3.00
N TRP B 22 -7.09 23.14 3.33
CA TRP B 22 -6.42 21.84 3.39
C TRP B 22 -5.69 21.70 4.71
N PHE B 23 -5.72 20.49 5.26
CA PHE B 23 -4.81 20.10 6.35
C PHE B 23 -3.62 19.36 5.76
N ARG B 24 -2.40 19.79 6.10
CA ARG B 24 -1.18 19.08 5.70
C ARG B 24 -0.48 18.40 6.90
N GLU B 25 -0.19 17.10 6.77
CA GLU B 25 0.52 16.34 7.80
C GLU B 25 2.03 16.34 7.53
N THR B 26 2.80 16.97 8.41
CA THR B 26 4.27 16.91 8.33
C THR B 26 4.89 16.34 9.61
N CYS B 27 6.00 15.63 9.45
CA CYS B 27 6.69 15.01 10.58
C CYS B 27 8.12 14.63 10.21
N SER B 28 9.05 14.96 11.10
CA SER B 28 10.47 14.61 10.91
C SER B 28 10.73 13.09 10.84
N LEU B 29 9.75 12.27 11.22
CA LEU B 29 9.88 10.82 11.06
C LEU B 29 9.59 10.36 9.62
N TRP B 30 9.06 11.26 8.78
CA TRP B 30 8.91 11.00 7.35
C TRP B 30 9.23 12.27 6.57
N PRO B 31 10.52 12.63 6.56
CA PRO B 31 10.89 13.95 6.08
C PRO B 31 10.75 14.07 4.56
N GLY B 32 10.37 15.26 4.11
CA GLY B 32 10.36 15.56 2.68
C GLY B 32 9.10 15.09 1.97
N GLN B 33 8.12 14.61 2.74
CA GLN B 33 6.85 14.16 2.18
C GLN B 33 5.69 14.58 3.08
N ALA B 34 4.51 14.74 2.48
CA ALA B 34 3.32 15.12 3.23
C ALA B 34 2.08 14.61 2.52
N LEU B 35 1.12 14.14 3.32
CA LEU B 35 -0.24 14.02 2.86
C LEU B 35 -1.04 15.22 3.34
N SER B 36 -1.90 15.73 2.47
CA SER B 36 -2.86 16.78 2.81
C SER B 36 -4.27 16.26 2.52
N LEU B 37 -5.20 16.64 3.38
CA LEU B 37 -6.60 16.30 3.17
C LEU B 37 -7.39 17.59 3.18
N GLN B 38 -8.23 17.75 2.17
CA GLN B 38 -9.08 18.91 2.04
C GLN B 38 -10.12 18.92 3.16
N VAL B 39 -10.36 20.11 3.72
CA VAL B 39 -11.18 20.29 4.92
C VAL B 39 -12.56 20.80 4.50
N GLU B 40 -13.60 20.12 4.98
CA GLU B 40 -14.99 20.56 4.82
C GLU B 40 -15.41 21.46 6.00
N GLN B 41 -15.12 21.01 7.23
CA GLN B 41 -15.53 21.73 8.43
C GLN B 41 -14.64 21.37 9.61
N LEU B 42 -14.02 22.37 10.23
CA LEU B 42 -13.33 22.15 11.50
C LEU B 42 -14.37 21.74 12.55
N LEU B 43 -14.08 20.67 13.31
CA LEU B 43 -15.00 20.18 14.35
C LEU B 43 -14.49 20.43 15.77
N HIS B 44 -13.17 20.34 15.96
CA HIS B 44 -12.57 20.45 17.29
C HIS B 44 -11.10 20.79 17.19
N HIS B 45 -10.66 21.70 18.05
CA HIS B 45 -9.24 21.95 18.14
C HIS B 45 -8.95 22.48 19.53
N ARG B 46 -8.31 21.63 20.35
CA ARG B 46 -7.98 21.98 21.72
C ARG B 46 -6.85 21.10 22.21
N ARG B 47 -6.01 21.68 23.04
CA ARG B 47 -4.89 21.00 23.66
C ARG B 47 -5.39 20.37 24.96
N SER B 48 -5.08 19.08 25.13
CA SER B 48 -5.32 18.35 26.38
C SER B 48 -4.01 18.36 27.17
N ARG B 49 -4.01 17.77 28.36
CA ARG B 49 -2.80 17.66 29.18
C ARG B 49 -1.66 16.94 28.46
N TYR B 50 -2.02 16.13 27.47
CA TYR B 50 -1.04 15.22 26.86
C TYR B 50 -0.64 15.58 25.45
N GLN B 51 -1.50 16.30 24.75
CA GLN B 51 -1.32 16.49 23.31
C GLN B 51 -2.33 17.45 22.67
N ASP B 52 -2.02 17.86 21.46
CA ASP B 52 -2.92 18.71 20.68
C ASP B 52 -3.90 17.83 19.91
N ILE B 53 -5.17 18.12 20.07
CA ILE B 53 -6.24 17.30 19.52
C ILE B 53 -7.04 18.09 18.49
N LEU B 54 -6.92 17.64 17.24
CA LEU B 54 -7.63 18.27 16.13
C LEU B 54 -8.57 17.26 15.48
N VAL B 55 -9.82 17.69 15.26
CA VAL B 55 -10.82 16.90 14.56
C VAL B 55 -11.48 17.78 13.51
N PHE B 56 -11.56 17.26 12.28
CA PHE B 56 -12.27 17.95 11.20
C PHE B 56 -13.03 16.99 10.31
N ARG B 57 -14.10 17.49 9.71
CA ARG B 57 -14.80 16.77 8.66
C ARG B 57 -14.07 17.05 7.36
N SER B 58 -13.51 16.02 6.74
CA SER B 58 -12.81 16.21 5.49
C SER B 58 -13.79 16.13 4.32
N LYS B 59 -13.36 16.56 3.14
CA LYS B 59 -14.20 16.52 1.96
C LYS B 59 -14.51 15.11 1.48
N THR B 60 -13.51 14.23 1.48
CA THR B 60 -13.65 12.88 0.89
C THR B 60 -13.22 11.72 1.79
N TYR B 61 -12.83 12.00 3.05
CA TYR B 61 -12.40 10.92 3.98
C TYR B 61 -13.25 10.82 5.25
N GLY B 62 -14.38 11.53 5.32
CA GLY B 62 -15.19 11.53 6.54
C GLY B 62 -14.46 12.29 7.64
N ASN B 63 -14.79 12.00 8.89
CA ASN B 63 -14.11 12.69 10.00
C ASN B 63 -12.71 12.13 10.25
N VAL B 64 -11.83 13.02 10.70
CA VAL B 64 -10.40 12.77 10.83
C VAL B 64 -9.94 13.24 12.20
N LEU B 65 -9.26 12.35 12.93
CA LEU B 65 -8.65 12.66 14.23
C LEU B 65 -7.14 12.84 14.04
N VAL B 66 -6.64 13.96 14.55
CA VAL B 66 -5.24 14.36 14.42
C VAL B 66 -4.67 14.69 15.81
N LEU B 67 -3.57 14.04 16.19
CA LEU B 67 -2.96 14.26 17.51
C LEU B 67 -1.54 14.73 17.31
N ASP B 68 -1.17 15.87 17.92
CA ASP B 68 0.14 16.53 17.64
C ASP B 68 0.49 16.62 16.13
N GLY B 69 -0.49 16.98 15.31
CA GLY B 69 -0.29 17.13 13.88
C GLY B 69 -0.20 15.84 13.09
N VAL B 70 -0.35 14.69 13.75
CA VAL B 70 -0.23 13.39 13.06
C VAL B 70 -1.63 12.73 12.97
N ILE B 71 -2.05 12.42 11.73
CA ILE B 71 -3.33 11.74 11.48
C ILE B 71 -3.36 10.40 12.23
N GLN B 72 -4.37 10.23 13.07
CA GLN B 72 -4.59 8.98 13.79
C GLN B 72 -5.52 8.08 13.03
N CYS B 73 -6.63 8.65 12.56
CA CYS B 73 -7.60 7.88 11.76
C CYS B 73 -8.51 8.75 10.89
N THR B 74 -9.06 8.12 9.87
CA THR B 74 -10.14 8.73 9.11
C THR B 74 -11.27 7.73 9.05
N GLU B 75 -12.50 8.21 8.97
CA GLU B 75 -13.64 7.30 8.84
C GLU B 75 -13.57 6.42 7.57
N ARG B 76 -12.96 6.95 6.53
CA ARG B 76 -12.96 6.28 5.24
C ARG B 76 -12.12 4.99 5.22
N ASP B 77 -10.94 5.04 5.84
CA ASP B 77 -9.98 3.91 5.74
C ASP B 77 -9.54 3.25 7.06
N GLU B 78 -10.08 3.72 8.19
CA GLU B 78 -9.69 3.20 9.52
C GLU B 78 -9.81 1.68 9.66
N PHE B 79 -10.83 1.10 9.03
CA PHE B 79 -11.12 -0.32 9.15
C PHE B 79 -9.93 -1.20 8.81
N SER B 80 -9.05 -0.71 7.94
CA SER B 80 -7.85 -1.45 7.56
C SER B 80 -7.01 -1.73 8.79
N TYR B 81 -6.59 -0.65 9.45
CA TYR B 81 -5.70 -0.76 10.58
C TYR B 81 -6.41 -1.42 11.76
N GLN B 82 -7.67 -1.06 11.97
CA GLN B 82 -8.43 -1.58 13.11
C GLN B 82 -8.66 -3.09 13.05
N GLU B 83 -9.05 -3.58 11.86
CA GLU B 83 -9.30 -5.02 11.70
C GLU B 83 -8.00 -5.82 11.76
N MET B 84 -6.93 -5.30 11.18
CA MET B 84 -5.64 -6.01 11.21
C MET B 84 -4.98 -6.07 12.59
N ILE B 85 -4.85 -4.93 13.27
CA ILE B 85 -4.26 -4.96 14.61
C ILE B 85 -5.03 -5.86 15.63
N ALA B 86 -6.35 -5.99 15.44
CA ALA B 86 -7.17 -6.87 16.26
C ALA B 86 -7.03 -8.33 15.82
N ASN B 87 -7.19 -8.59 14.53
CA ASN B 87 -7.31 -9.98 14.10
C ASN B 87 -6.00 -10.73 13.87
N LEU B 88 -4.95 -10.03 13.49
CA LEU B 88 -3.63 -10.69 13.45
C LEU B 88 -3.30 -11.43 14.76
N PRO B 89 -3.35 -10.74 15.92
CA PRO B 89 -3.10 -11.47 17.17
C PRO B 89 -4.22 -12.43 17.59
N LEU B 90 -5.48 -11.98 17.53
CA LEU B 90 -6.61 -12.83 17.94
C LEU B 90 -6.68 -14.14 17.14
N CYS B 91 -6.48 -14.07 15.83
CA CYS B 91 -6.54 -15.29 14.99
C CYS B 91 -5.25 -16.11 15.05
N SER B 92 -4.27 -15.60 15.78
CA SER B 92 -3.01 -16.29 16.04
C SER B 92 -2.96 -16.91 17.46
N HIS B 93 -4.07 -16.81 18.18
CA HIS B 93 -4.23 -17.41 19.52
C HIS B 93 -5.39 -18.40 19.41
N PRO B 94 -5.21 -19.65 19.91
CA PRO B 94 -6.34 -20.59 19.75
C PRO B 94 -7.56 -20.30 20.64
N ASN B 95 -7.38 -19.51 21.70
CA ASN B 95 -8.51 -19.19 22.57
C ASN B 95 -8.28 -17.92 23.39
N PRO B 96 -8.29 -16.75 22.73
CA PRO B 96 -8.00 -15.51 23.46
C PRO B 96 -9.23 -15.03 24.24
N ARG B 97 -9.12 -15.08 25.57
CA ARG B 97 -10.25 -14.78 26.44
C ARG B 97 -10.15 -13.41 27.07
N LYS B 98 -8.95 -13.07 27.53
CA LYS B 98 -8.67 -11.77 28.17
C LYS B 98 -7.69 -10.95 27.34
N VAL B 99 -8.12 -9.76 26.95
CA VAL B 99 -7.36 -8.91 26.05
C VAL B 99 -7.08 -7.58 26.74
N LEU B 100 -5.86 -7.06 26.57
CA LEU B 100 -5.52 -5.71 26.99
C LEU B 100 -5.27 -4.86 25.75
N ILE B 101 -5.90 -3.70 25.67
CA ILE B 101 -5.56 -2.71 24.63
C ILE B 101 -4.93 -1.51 25.32
N ILE B 102 -3.73 -1.12 24.84
CA ILE B 102 -3.06 0.10 25.28
C ILE B 102 -3.23 1.14 24.18
N GLY B 103 -3.78 2.31 24.54
CA GLY B 103 -4.05 3.35 23.53
C GLY B 103 -5.44 3.08 22.98
N GLY B 104 -5.60 3.22 21.68
CA GLY B 104 -6.86 2.91 21.00
C GLY B 104 -8.00 3.85 21.38
N GLY B 105 -7.63 5.09 21.66
CA GLY B 105 -8.59 6.11 22.11
C GLY B 105 -9.83 6.30 21.26
N ASP B 106 -9.73 6.09 19.95
CA ASP B 106 -10.93 6.22 19.09
C ASP B 106 -11.98 5.12 19.31
N GLY B 107 -11.59 3.99 19.92
CA GLY B 107 -12.51 2.91 20.25
C GLY B 107 -12.62 1.85 19.14
N GLY B 108 -12.02 2.14 17.99
CA GLY B 108 -12.04 1.22 16.85
C GLY B 108 -11.48 -0.19 17.07
N VAL B 109 -10.35 -0.29 17.76
N VAL B 109 -10.33 -0.30 17.74
CA VAL B 109 -9.74 -1.59 18.03
CA VAL B 109 -9.74 -1.61 18.02
C VAL B 109 -10.64 -2.42 18.96
C VAL B 109 -10.65 -2.42 18.94
N LEU B 110 -11.13 -1.76 20.01
CA LEU B 110 -12.13 -2.35 20.91
C LEU B 110 -13.32 -2.92 20.15
N ARG B 111 -13.84 -2.12 19.21
CA ARG B 111 -14.97 -2.53 18.38
C ARG B 111 -14.67 -3.86 17.61
N GLU B 112 -13.46 -3.99 17.09
CA GLU B 112 -13.09 -5.22 16.35
C GLU B 112 -12.82 -6.40 17.26
N VAL B 113 -12.21 -6.12 18.41
CA VAL B 113 -11.81 -7.18 19.33
C VAL B 113 -13.04 -7.93 19.87
N VAL B 114 -14.07 -7.18 20.22
CA VAL B 114 -15.25 -7.75 20.90
C VAL B 114 -16.13 -8.59 20.00
N LYS B 115 -15.86 -8.56 18.70
CA LYS B 115 -16.61 -9.39 17.76
C LYS B 115 -16.30 -10.87 17.95
N HIS B 116 -15.16 -11.19 18.57
CA HIS B 116 -14.81 -12.60 18.79
C HIS B 116 -15.55 -13.12 20.02
N PRO B 117 -16.37 -14.18 19.84
CA PRO B 117 -17.02 -14.83 21.00
C PRO B 117 -16.05 -15.34 22.08
N SER B 118 -14.84 -15.76 21.71
CA SER B 118 -13.89 -16.22 22.73
C SER B 118 -13.54 -15.14 23.76
N VAL B 119 -13.56 -13.89 23.30
CA VAL B 119 -13.16 -12.74 24.13
C VAL B 119 -14.26 -12.43 25.13
N GLU B 120 -13.93 -12.50 26.41
CA GLU B 120 -14.92 -12.23 27.46
C GLU B 120 -14.64 -10.92 28.15
N SER B 121 -13.37 -10.54 28.14
CA SER B 121 -12.93 -9.39 28.89
C SER B 121 -11.87 -8.61 28.10
N VAL B 122 -12.14 -7.33 27.89
CA VAL B 122 -11.18 -6.43 27.26
C VAL B 122 -10.94 -5.26 28.22
N VAL B 123 -9.69 -5.09 28.62
CA VAL B 123 -9.30 -3.93 29.40
C VAL B 123 -8.65 -2.96 28.43
N GLN B 124 -9.07 -1.69 28.48
CA GLN B 124 -8.42 -0.64 27.70
C GLN B 124 -7.78 0.42 28.59
N CYS B 125 -6.50 0.71 28.32
CA CYS B 125 -5.79 1.75 29.05
C CYS B 125 -5.42 2.87 28.08
N GLU B 126 -6.15 3.97 28.18
CA GLU B 126 -5.96 5.17 27.35
C GLU B 126 -5.47 6.34 28.21
N ILE B 127 -4.40 6.98 27.79
CA ILE B 127 -3.78 8.03 28.60
C ILE B 127 -4.64 9.31 28.68
N ASP B 128 -5.42 9.57 27.63
CA ASP B 128 -6.04 10.88 27.41
C ASP B 128 -7.57 10.84 27.23
N GLU B 129 -8.29 11.14 28.31
CA GLU B 129 -9.76 11.12 28.33
C GLU B 129 -10.45 12.08 27.34
N ASP B 130 -9.74 13.14 26.91
CA ASP B 130 -10.28 14.05 25.90
C ASP B 130 -10.33 13.36 24.55
N VAL B 131 -9.40 12.43 24.29
CA VAL B 131 -9.47 11.67 23.04
C VAL B 131 -10.71 10.76 23.02
N ILE B 132 -10.97 10.12 24.17
CA ILE B 132 -12.18 9.30 24.34
C ILE B 132 -13.46 10.10 24.07
N GLN B 133 -13.53 11.31 24.65
CA GLN B 133 -14.67 12.23 24.48
C GLN B 133 -14.93 12.71 23.03
N VAL B 134 -13.90 13.20 22.36
CA VAL B 134 -14.06 13.69 20.99
C VAL B 134 -14.36 12.55 20.03
N SER B 135 -13.84 11.36 20.30
CA SER B 135 -14.13 10.16 19.49
C SER B 135 -15.60 9.75 19.59
N LYS B 136 -16.12 9.67 20.81
CA LYS B 136 -17.55 9.40 21.00
C LYS B 136 -18.41 10.39 20.21
N LYS B 137 -17.98 11.65 20.15
CA LYS B 137 -18.79 12.66 19.49
C LYS B 137 -18.62 12.67 17.97
N PHE B 138 -17.39 12.52 17.48
CA PHE B 138 -17.11 12.76 16.06
C PHE B 138 -16.69 11.51 15.30
N LEU B 139 -16.38 10.44 16.05
CA LEU B 139 -16.03 9.15 15.45
C LEU B 139 -16.98 8.06 15.96
N PRO B 140 -18.31 8.28 15.79
CA PRO B 140 -19.26 7.36 16.43
C PRO B 140 -19.18 5.91 15.95
N GLY B 141 -18.85 5.70 14.68
CA GLY B 141 -18.67 4.33 14.15
C GLY B 141 -17.46 3.59 14.70
N MET B 142 -16.52 4.31 15.31
CA MET B 142 -15.38 3.71 15.98
C MET B 142 -15.62 3.63 17.48
N ALA B 143 -16.09 4.73 18.09
CA ALA B 143 -16.31 4.82 19.55
C ALA B 143 -17.50 4.03 20.08
N ILE B 144 -18.28 3.44 19.17
CA ILE B 144 -19.27 2.41 19.52
C ILE B 144 -18.60 1.31 20.34
N GLY B 145 -17.31 1.07 20.07
CA GLY B 145 -16.51 0.16 20.89
C GLY B 145 -16.64 0.35 22.39
N TYR B 146 -16.73 1.61 22.85
CA TYR B 146 -16.84 1.93 24.28
C TYR B 146 -18.14 1.47 24.94
N SER B 147 -19.15 1.13 24.12
CA SER B 147 -20.43 0.68 24.65
C SER B 147 -20.53 -0.85 24.81
N SER B 148 -19.42 -1.56 24.68
CA SER B 148 -19.38 -3.01 24.88
C SER B 148 -19.50 -3.40 26.36
N SER B 149 -20.31 -4.41 26.65
CA SER B 149 -20.39 -4.98 28.00
C SER B 149 -19.11 -5.76 28.38
N LYS B 150 -18.23 -6.00 27.40
CA LYS B 150 -16.96 -6.74 27.65
C LYS B 150 -15.83 -5.84 28.14
N LEU B 151 -16.06 -4.54 28.15
CA LEU B 151 -15.01 -3.54 28.44
C LEU B 151 -14.84 -3.17 29.91
N THR B 152 -13.57 -3.10 30.34
CA THR B 152 -13.14 -2.43 31.58
C THR B 152 -12.17 -1.33 31.17
N LEU B 153 -12.55 -0.09 31.43
CA LEU B 153 -11.79 1.08 30.97
C LEU B 153 -10.91 1.67 32.07
N HIS B 154 -9.63 1.87 31.75
CA HIS B 154 -8.71 2.58 32.64
C HIS B 154 -8.12 3.81 31.97
N VAL B 155 -8.12 4.94 32.67
CA VAL B 155 -7.42 6.14 32.19
C VAL B 155 -6.04 6.24 32.83
N GLY B 156 -4.99 6.07 32.03
CA GLY B 156 -3.63 6.12 32.54
C GLY B 156 -2.58 5.79 31.50
N ASP B 157 -1.32 5.94 31.89
CA ASP B 157 -0.18 5.58 31.06
C ASP B 157 -0.08 4.06 30.98
N GLY B 158 -0.10 3.53 29.74
CA GLY B 158 -0.08 2.09 29.50
C GLY B 158 1.21 1.45 30.00
N PHE B 159 2.32 2.17 29.83
CA PHE B 159 3.64 1.74 30.30
C PHE B 159 3.63 1.49 31.81
N GLU B 160 2.97 2.37 32.55
CA GLU B 160 2.82 2.20 34.00
C GLU B 160 1.81 1.13 34.41
N PHE B 161 0.67 1.09 33.73
CA PHE B 161 -0.39 0.12 34.00
C PHE B 161 0.08 -1.33 33.77
N MET B 162 1.03 -1.50 32.84
CA MET B 162 1.60 -2.80 32.48
C MET B 162 2.28 -3.47 33.69
N LYS B 163 2.96 -2.65 34.50
CA LYS B 163 3.62 -3.07 35.74
C LYS B 163 2.69 -3.67 36.82
N GLN B 164 1.44 -3.23 36.88
CA GLN B 164 0.47 -3.73 37.86
C GLN B 164 -0.18 -5.04 37.44
N ASN B 165 0.12 -5.49 36.23
CA ASN B 165 -0.41 -6.74 35.70
C ASN B 165 0.70 -7.72 35.38
N GLN B 166 0.54 -8.91 35.93
CA GLN B 166 1.46 -9.96 35.65
C GLN B 166 0.62 -11.18 35.39
N ASP B 167 0.97 -11.90 34.33
CA ASP B 167 0.32 -13.17 34.01
C ASP B 167 -1.21 -12.99 33.87
N ALA B 168 -1.61 -11.90 33.25
CA ALA B 168 -3.01 -11.53 33.23
C ALA B 168 -3.71 -11.67 31.88
N PHE B 169 -2.97 -11.60 30.78
CA PHE B 169 -3.63 -11.44 29.46
C PHE B 169 -3.24 -12.46 28.40
N ASP B 170 -4.23 -12.95 27.65
CA ASP B 170 -4.01 -13.82 26.50
C ASP B 170 -3.42 -13.02 25.33
N VAL B 171 -3.99 -11.83 25.12
CA VAL B 171 -3.51 -10.95 24.08
C VAL B 171 -3.33 -9.52 24.59
N ILE B 172 -2.21 -8.89 24.22
CA ILE B 172 -2.01 -7.46 24.44
C ILE B 172 -1.85 -6.78 23.09
N ILE B 173 -2.64 -5.72 22.87
CA ILE B 173 -2.53 -4.90 21.66
C ILE B 173 -2.10 -3.50 22.09
N THR B 174 -0.99 -3.03 21.52
CA THR B 174 -0.58 -1.63 21.69
C THR B 174 -0.91 -0.84 20.43
N ASP B 175 -2.00 -0.08 20.51
CA ASP B 175 -2.49 0.74 19.41
C ASP B 175 -2.06 2.18 19.64
N SER B 176 -0.81 2.46 19.26
CA SER B 176 -0.21 3.76 19.52
C SER B 176 -0.07 4.60 18.23
N SER B 177 0.16 5.91 18.39
CA SER B 177 0.75 6.74 17.33
C SER B 177 2.26 6.43 17.28
N ASP B 178 3.04 7.35 16.70
CA ASP B 178 4.44 7.11 16.41
C ASP B 178 5.30 7.27 17.67
N PRO B 179 6.61 6.87 17.60
CA PRO B 179 7.49 6.88 18.78
C PRO B 179 7.87 8.31 19.21
N MET B 180 6.85 9.13 19.45
CA MET B 180 6.97 10.55 19.79
C MET B 180 5.98 10.86 20.92
N GLY B 181 6.22 11.95 21.66
CA GLY B 181 5.27 12.40 22.68
C GLY B 181 4.96 11.33 23.73
N PRO B 182 3.67 11.20 24.11
CA PRO B 182 3.27 10.21 25.15
C PRO B 182 3.47 8.73 24.76
N ALA B 183 3.56 8.44 23.46
CA ALA B 183 3.75 7.06 22.97
C ALA B 183 5.23 6.64 22.89
N GLU B 184 6.14 7.57 23.17
CA GLU B 184 7.60 7.33 23.00
C GLU B 184 8.08 5.99 23.61
N SER B 185 7.78 5.79 24.89
CA SER B 185 8.23 4.62 25.66
C SER B 185 7.63 3.28 25.20
N LEU B 186 6.52 3.34 24.47
CA LEU B 186 5.79 2.15 24.03
C LEU B 186 6.54 1.35 22.93
N PHE B 187 7.66 1.92 22.49
CA PHE B 187 8.50 1.32 21.45
C PHE B 187 9.85 0.84 22.01
N LYS B 188 10.01 0.93 23.34
CA LYS B 188 11.28 0.58 23.99
C LYS B 188 11.36 -0.89 24.35
N GLU B 189 12.58 -1.41 24.45
CA GLU B 189 12.78 -2.77 24.93
C GLU B 189 12.25 -3.00 26.36
N SER B 190 12.31 -1.96 27.20
CA SER B 190 11.78 -2.08 28.56
C SER B 190 10.27 -2.37 28.56
N TYR B 191 9.55 -1.69 27.67
CA TYR B 191 8.10 -1.85 27.56
C TYR B 191 7.72 -3.25 27.07
N TYR B 192 8.49 -3.76 26.13
CA TYR B 192 8.30 -5.14 25.66
C TYR B 192 8.55 -6.16 26.78
N GLN B 193 9.50 -5.87 27.68
CA GLN B 193 9.67 -6.75 28.83
C GLN B 193 8.46 -6.72 29.73
N LEU B 194 7.92 -5.52 29.97
CA LEU B 194 6.71 -5.37 30.76
C LEU B 194 5.53 -6.15 30.15
N MET B 195 5.42 -6.13 28.82
CA MET B 195 4.33 -6.86 28.17
C MET B 195 4.53 -8.35 28.35
N LYS B 196 5.78 -8.81 28.22
CA LYS B 196 6.09 -10.22 28.44
C LYS B 196 5.56 -10.68 29.81
N THR B 197 5.85 -9.87 30.83
CA THR B 197 5.42 -10.17 32.19
C THR B 197 3.89 -10.12 32.35
N ALA B 198 3.23 -9.19 31.66
CA ALA B 198 1.77 -9.03 31.76
C ALA B 198 1.02 -10.12 30.98
N LEU B 199 1.69 -10.68 29.97
CA LEU B 199 1.08 -11.81 29.25
C LEU B 199 1.05 -13.09 30.08
N LYS B 200 0.04 -13.91 29.84
CA LYS B 200 0.01 -15.28 30.34
C LYS B 200 1.15 -16.07 29.71
N GLU B 201 1.45 -17.26 30.24
CA GLU B 201 2.64 -18.02 29.84
C GLU B 201 2.66 -18.36 28.35
N ASP B 202 1.49 -18.42 27.72
CA ASP B 202 1.39 -18.68 26.28
C ASP B 202 0.80 -17.51 25.48
N GLY B 203 0.92 -16.30 26.05
CA GLY B 203 0.27 -15.13 25.48
C GLY B 203 0.93 -14.52 24.26
N VAL B 204 0.15 -13.78 23.47
N VAL B 204 0.14 -13.74 23.52
CA VAL B 204 0.66 -13.14 22.25
CA VAL B 204 0.52 -13.12 22.24
C VAL B 204 0.41 -11.63 22.27
C VAL B 204 0.41 -11.60 22.32
N LEU B 205 1.31 -10.89 21.64
CA LEU B 205 1.20 -9.44 21.53
C LEU B 205 1.22 -8.93 20.09
N CYS B 206 0.56 -7.80 19.85
CA CYS B 206 0.62 -7.11 18.57
C CYS B 206 0.74 -5.60 18.82
N CYS B 207 1.80 -5.00 18.30
CA CYS B 207 2.02 -3.56 18.49
C CYS B 207 2.16 -2.92 17.13
N GLN B 208 1.69 -1.69 17.01
CA GLN B 208 1.91 -0.88 15.83
C GLN B 208 3.42 -0.84 15.63
N GLY B 209 3.88 -1.24 14.45
CA GLY B 209 5.30 -1.47 14.24
C GLY B 209 5.91 -0.68 13.09
N GLU B 210 5.19 0.32 12.61
CA GLU B 210 5.74 1.25 11.62
C GLU B 210 6.02 0.69 10.20
N CYS B 211 6.53 1.57 9.34
CA CYS B 211 6.42 1.43 7.90
C CYS B 211 7.69 0.90 7.23
N GLN B 212 7.57 -0.19 6.48
CA GLN B 212 8.78 -0.79 5.87
C GLN B 212 9.40 0.07 4.77
N TRP B 213 8.62 1.01 4.23
CA TRP B 213 9.13 1.97 3.24
C TRP B 213 9.78 3.21 3.85
N LEU B 214 9.75 3.33 5.18
CA LEU B 214 10.27 4.50 5.90
C LEU B 214 11.21 4.19 7.08
N HIS B 215 10.95 3.09 7.79
CA HIS B 215 11.59 2.85 9.08
C HIS B 215 12.15 1.43 9.19
N LEU B 216 12.69 0.92 8.08
CA LEU B 216 13.20 -0.46 8.05
C LEU B 216 14.28 -0.69 9.11
N ASP B 217 15.00 0.37 9.46
CA ASP B 217 16.00 0.37 10.55
C ASP B 217 15.37 0.10 11.91
N LEU B 218 14.33 0.86 12.27
CA LEU B 218 13.60 0.64 13.52
C LEU B 218 13.06 -0.80 13.52
N ILE B 219 12.52 -1.23 12.39
CA ILE B 219 11.88 -2.55 12.29
C ILE B 219 12.86 -3.69 12.60
N LYS B 220 14.04 -3.66 12.01
CA LYS B 220 15.02 -4.72 12.24
C LYS B 220 15.55 -4.68 13.68
N GLU B 221 15.69 -3.46 14.22
CA GLU B 221 16.15 -3.23 15.58
C GLU B 221 15.15 -3.73 16.62
N MET B 222 13.86 -3.43 16.44
CA MET B 222 12.79 -3.96 17.31
C MET B 222 12.77 -5.48 17.21
N ARG B 223 12.85 -6.00 16.00
CA ARG B 223 12.84 -7.44 15.72
C ARG B 223 13.96 -8.14 16.46
N GLN B 224 15.17 -7.59 16.36
CA GLN B 224 16.32 -8.10 17.08
C GLN B 224 16.12 -8.10 18.61
N PHE B 225 15.62 -7.01 19.19
CA PHE B 225 15.44 -7.06 20.66
C PHE B 225 14.29 -7.96 21.10
N CYS B 226 13.20 -8.00 20.32
CA CYS B 226 12.10 -8.93 20.59
C CYS B 226 12.52 -10.39 20.56
N GLN B 227 13.45 -10.74 19.66
CA GLN B 227 13.99 -12.09 19.58
C GLN B 227 14.79 -12.51 20.84
N SER B 228 15.24 -11.54 21.64
CA SER B 228 15.90 -11.85 22.92
C SER B 228 14.88 -12.11 24.03
N LEU B 229 13.62 -11.82 23.77
CA LEU B 229 12.55 -11.92 24.80
C LEU B 229 11.52 -13.01 24.55
N PHE B 230 11.24 -13.29 23.26
CA PHE B 230 10.11 -14.14 22.85
C PHE B 230 10.60 -15.18 21.83
N PRO B 231 10.06 -16.42 21.90
CA PRO B 231 10.46 -17.44 20.94
C PRO B 231 10.00 -17.14 19.53
N VAL B 232 8.92 -16.38 19.38
CA VAL B 232 8.32 -16.15 18.05
C VAL B 232 8.06 -14.66 17.86
N VAL B 233 8.67 -14.14 16.79
CA VAL B 233 8.61 -12.74 16.45
C VAL B 233 8.33 -12.63 14.94
N ALA B 234 7.40 -11.76 14.57
CA ALA B 234 7.01 -11.63 13.16
C ALA B 234 6.63 -10.19 12.87
N TYR B 235 6.73 -9.81 11.60
CA TYR B 235 6.32 -8.48 11.11
C TYR B 235 5.28 -8.71 10.02
N ALA B 236 4.10 -8.10 10.18
CA ALA B 236 3.09 -8.05 9.11
C ALA B 236 2.76 -6.59 8.81
N TYR B 237 2.13 -6.32 7.65
CA TYR B 237 1.74 -4.97 7.31
C TYR B 237 0.35 -4.93 6.66
N CYS B 238 -0.25 -3.74 6.63
CA CYS B 238 -1.52 -3.55 5.92
C CYS B 238 -1.46 -2.24 5.14
N THR B 239 -2.31 -2.10 4.12
CA THR B 239 -2.37 -0.84 3.41
C THR B 239 -3.46 0.10 3.95
N ILE B 240 -3.13 1.37 3.98
CA ILE B 240 -4.02 2.39 4.47
C ILE B 240 -3.56 3.74 3.92
N PRO B 241 -4.35 4.28 2.97
CA PRO B 241 -4.06 5.49 2.22
C PRO B 241 -3.55 6.65 3.08
N THR B 242 -4.10 6.82 4.29
CA THR B 242 -3.82 8.05 5.07
C THR B 242 -2.74 7.91 6.14
N TYR B 243 -2.04 6.77 6.16
CA TYR B 243 -0.82 6.68 6.95
C TYR B 243 0.40 7.03 6.07
N PRO B 244 1.51 7.49 6.66
CA PRO B 244 2.63 7.87 5.79
C PRO B 244 3.09 6.72 4.89
N SER B 245 3.27 7.04 3.62
CA SER B 245 3.70 6.08 2.58
C SER B 245 2.65 5.02 2.27
N GLY B 246 1.44 5.22 2.80
CA GLY B 246 0.25 4.47 2.40
C GLY B 246 0.13 3.10 3.04
N GLN B 247 0.88 2.86 4.10
CA GLN B 247 0.82 1.56 4.79
C GLN B 247 1.49 1.62 6.14
N ILE B 248 1.22 0.61 6.96
CA ILE B 248 1.88 0.46 8.24
C ILE B 248 2.04 -1.02 8.63
N GLY B 249 3.05 -1.30 9.45
CA GLY B 249 3.28 -2.64 9.96
C GLY B 249 2.94 -2.88 11.43
N PHE B 250 3.08 -4.14 11.81
CA PHE B 250 2.75 -4.61 13.15
C PHE B 250 3.86 -5.54 13.60
N MET B 251 4.29 -5.33 14.83
CA MET B 251 5.16 -6.27 15.48
C MET B 251 4.30 -7.30 16.22
N LEU B 252 4.59 -8.57 15.95
CA LEU B 252 3.88 -9.68 16.55
C LEU B 252 4.88 -10.53 17.33
N CYS B 253 4.57 -10.81 18.59
CA CYS B 253 5.40 -11.67 19.44
C CYS B 253 4.52 -12.64 20.20
N SER B 254 5.04 -13.85 20.43
CA SER B 254 4.35 -14.83 21.25
C SER B 254 5.29 -15.42 22.31
N LYS B 255 4.75 -15.72 23.48
CA LYS B 255 5.49 -16.47 24.50
C LYS B 255 5.29 -17.98 24.29
N ASN B 256 4.36 -18.33 23.41
CA ASN B 256 4.12 -19.71 23.04
C ASN B 256 5.09 -20.11 21.91
N PRO B 257 6.09 -20.96 22.21
CA PRO B 257 7.03 -21.34 21.16
C PRO B 257 6.35 -21.94 19.91
N SER B 258 5.13 -22.45 20.05
CA SER B 258 4.41 -23.10 18.93
C SER B 258 3.62 -22.16 18.00
N THR B 259 3.48 -20.90 18.39
CA THR B 259 2.74 -19.93 17.58
C THR B 259 3.32 -19.81 16.16
N ASN B 260 2.43 -19.90 15.17
CA ASN B 260 2.79 -19.66 13.78
C ASN B 260 1.94 -18.48 13.29
N PHE B 261 2.51 -17.29 13.31
CA PHE B 261 1.75 -16.08 13.00
C PHE B 261 1.29 -16.06 11.53
N GLN B 262 2.16 -16.57 10.65
CA GLN B 262 1.93 -16.54 9.19
C GLN B 262 0.77 -17.44 8.70
N GLU B 263 0.47 -18.51 9.43
CA GLU B 263 -0.67 -19.36 9.14
C GLU B 263 -1.70 -19.23 10.29
N PRO B 264 -2.84 -18.55 10.06
CA PRO B 264 -3.74 -18.33 11.20
C PRO B 264 -4.16 -19.62 11.93
N VAL B 265 -3.92 -19.69 13.24
CA VAL B 265 -4.41 -20.82 14.04
C VAL B 265 -5.96 -20.85 14.08
N GLN B 266 -6.58 -19.66 13.95
CA GLN B 266 -8.03 -19.53 13.78
C GLN B 266 -8.38 -18.98 12.42
N PRO B 267 -8.44 -19.86 11.39
CA PRO B 267 -8.87 -19.37 10.08
C PRO B 267 -10.36 -18.99 10.17
N LEU B 268 -10.80 -18.11 9.27
CA LEU B 268 -12.19 -17.68 9.22
C LEU B 268 -12.80 -18.16 7.92
N THR B 269 -14.04 -18.64 7.98
CA THR B 269 -14.76 -18.98 6.75
C THR B 269 -15.26 -17.67 6.17
N GLN B 270 -15.57 -17.69 4.88
CA GLN B 270 -16.26 -16.58 4.23
C GLN B 270 -17.52 -16.14 5.02
N GLN B 271 -18.28 -17.10 5.54
CA GLN B 271 -19.47 -16.75 6.32
C GLN B 271 -19.08 -15.95 7.58
N GLN B 272 -18.02 -16.37 8.28
CA GLN B 272 -17.55 -15.61 9.46
C GLN B 272 -17.14 -14.17 9.11
N VAL B 273 -16.42 -14.04 8.00
CA VAL B 273 -16.02 -12.75 7.46
C VAL B 273 -17.24 -11.86 7.17
N ALA B 274 -18.24 -12.45 6.54
CA ALA B 274 -19.52 -11.78 6.31
C ALA B 274 -20.21 -11.40 7.64
N GLN B 275 -20.35 -12.34 8.56
CA GLN B 275 -20.99 -12.07 9.90
C GLN B 275 -20.28 -10.99 10.73
N MET B 276 -18.96 -10.94 10.62
CA MET B 276 -18.15 -9.95 11.35
C MET B 276 -18.10 -8.60 10.62
N GLN B 277 -18.72 -8.55 9.42
CA GLN B 277 -18.79 -7.33 8.59
C GLN B 277 -17.41 -6.76 8.25
N LEU B 278 -16.43 -7.64 8.19
CA LEU B 278 -15.07 -7.22 7.85
C LEU B 278 -14.97 -6.60 6.46
N LYS B 279 -14.29 -5.45 6.41
CA LYS B 279 -14.04 -4.72 5.16
C LYS B 279 -12.61 -4.93 4.63
N TYR B 280 -11.71 -5.45 5.45
CA TYR B 280 -10.30 -5.64 5.04
C TYR B 280 -9.77 -7.06 5.29
N TYR B 281 -9.87 -7.50 6.55
CA TYR B 281 -9.33 -8.77 7.00
C TYR B 281 -10.11 -9.98 6.49
N ASN B 282 -9.33 -11.00 6.11
CA ASN B 282 -9.81 -12.38 5.98
C ASN B 282 -8.55 -13.24 6.11
N SER B 283 -8.69 -14.56 6.06
CA SER B 283 -7.55 -15.42 6.37
C SER B 283 -6.45 -15.40 5.30
N ASP B 284 -6.83 -15.19 4.04
CA ASP B 284 -5.86 -15.08 2.93
C ASP B 284 -5.06 -13.77 3.05
N VAL B 285 -5.76 -12.67 3.36
CA VAL B 285 -5.16 -11.36 3.69
C VAL B 285 -4.17 -11.45 4.89
N HIS B 286 -4.58 -12.17 5.93
CA HIS B 286 -3.70 -12.49 7.06
C HIS B 286 -2.40 -13.16 6.57
N ARG B 287 -2.52 -14.22 5.77
CA ARG B 287 -1.32 -14.89 5.24
C ARG B 287 -0.45 -13.94 4.41
N ALA B 288 -1.08 -13.18 3.52
CA ALA B 288 -0.38 -12.29 2.60
C ALA B 288 0.33 -11.12 3.30
N ALA B 289 -0.20 -10.68 4.45
CA ALA B 289 0.33 -9.54 5.18
C ALA B 289 1.77 -9.72 5.64
N PHE B 290 2.22 -10.99 5.66
CA PHE B 290 3.58 -11.34 6.09
C PHE B 290 4.55 -11.44 4.91
N VAL B 291 3.99 -11.34 3.70
CA VAL B 291 4.79 -11.42 2.47
C VAL B 291 5.29 -10.05 2.08
N LEU B 292 6.55 -9.81 2.37
CA LEU B 292 7.13 -8.50 2.20
C LEU B 292 7.82 -8.33 0.85
N PRO B 293 7.91 -7.07 0.36
CA PRO B 293 8.73 -6.68 -0.78
C PRO B 293 10.14 -7.23 -0.60
N GLU B 294 10.79 -7.56 -1.71
CA GLU B 294 12.08 -8.20 -1.62
C GLU B 294 13.08 -7.42 -0.77
N PHE B 295 13.14 -6.10 -0.90
CA PHE B 295 14.10 -5.30 -0.10
C PHE B 295 13.91 -5.51 1.39
N ALA B 296 12.66 -5.61 1.81
CA ALA B 296 12.32 -5.73 3.24
C ALA B 296 12.52 -7.17 3.71
N ARG B 297 12.09 -8.14 2.90
CA ARG B 297 12.34 -9.55 3.17
C ARG B 297 13.83 -9.79 3.40
N LYS B 298 14.65 -9.26 2.50
CA LYS B 298 16.10 -9.39 2.58
C LYS B 298 16.68 -8.74 3.84
N ALA B 299 16.26 -7.50 4.12
CA ALA B 299 16.75 -6.74 5.26
C ALA B 299 16.44 -7.46 6.56
N LEU B 300 15.25 -8.07 6.66
CA LEU B 300 14.81 -8.71 7.89
C LEU B 300 15.24 -10.16 8.03
N ASN B 301 15.55 -10.84 6.92
CA ASN B 301 15.75 -12.28 6.98
C ASN B 301 17.11 -12.80 6.55
N ASP B 302 17.70 -12.16 5.54
CA ASP B 302 19.01 -12.55 5.01
C ASP B 302 20.19 -12.01 5.82
N VAL B 303 21.28 -12.78 5.81
CA VAL B 303 22.51 -12.41 6.49
C VAL B 303 23.42 -11.59 5.56
N SER B 304 24.15 -10.63 6.13
CA SER B 304 25.27 -9.95 5.43
C SER B 304 26.46 -9.72 6.37
#